data_1UBX
#
_entry.id   1UBX
#
_cell.length_a   88.700
_cell.length_b   88.700
_cell.length_c   276.300
_cell.angle_alpha   90.00
_cell.angle_beta   90.00
_cell.angle_gamma   90.00
#
_symmetry.space_group_name_H-M   'I 41 2 2'
#
loop_
_entity.id
_entity.type
_entity.pdbx_description
1 polymer 'FARNESYL DIPHOSPHATE SYNTHASE'
2 non-polymer 'MAGNESIUM ION'
3 non-polymer 'FARNESYL DIPHOSPHATE'
4 water water
#
_entity_poly.entity_id   1
_entity_poly.type   'polypeptide(L)'
_entity_poly.pdbx_seq_one_letter_code
;MHKFTGVNAKFQQPALRNLSPVVVEREREEFVGFFPQIVRDLTEDGIGHPEVGDAVARLKEVLQYNAPGGKCNRGLTVVA
AYRELSGPGQKDAESLRCALAVGWCIELFQAASLVADDIMDQSLTRRGQLCWYKKEGVGLDAINDSFLLESSVYRVLKKY
CRQRPYYVHLLELFLQTAYQTELGQMLDLITAPVSKVDLSHFSEERYKAIVKYKTAFYSFYLPVAAAMYMVGIDSKEEHE
NAKAILLEMGEYFQIQDDYLDCFGDPALTGKVGTDIQDNKCSWLVVQCLQRVTPEQRQLLEDNYGRKEPEKVAKVKELYE
AVGMRAAFQQYEESSYRRLQELIEKHSNRLPKEIFLGLAQKIYKRQK
;
_entity_poly.pdbx_strand_id   A
#
# COMPACT_ATOMS: atom_id res chain seq x y z
N SER A 20 -16.87 13.60 -4.58
CA SER A 20 -17.13 14.72 -5.49
C SER A 20 -15.87 15.15 -6.26
N PRO A 21 -16.09 15.86 -7.38
CA PRO A 21 -14.97 16.41 -8.14
C PRO A 21 -14.77 17.78 -7.48
N VAL A 22 -15.00 17.77 -6.16
CA VAL A 22 -14.83 18.97 -5.37
C VAL A 22 -14.37 18.77 -3.96
N VAL A 23 -15.25 18.33 -3.06
CA VAL A 23 -14.81 18.18 -1.67
C VAL A 23 -13.62 17.22 -1.50
N VAL A 24 -13.73 16.04 -2.12
CA VAL A 24 -12.63 15.10 -1.98
C VAL A 24 -11.24 15.64 -2.35
N GLU A 25 -11.19 16.36 -3.46
CA GLU A 25 -9.96 17.06 -3.86
C GLU A 25 -9.54 18.08 -2.77
N ARG A 26 -10.50 18.75 -2.15
CA ARG A 26 -10.11 19.71 -1.10
C ARG A 26 -9.44 19.00 0.04
N GLU A 27 -10.07 17.93 0.49
CA GLU A 27 -9.44 17.19 1.55
C GLU A 27 -8.09 16.83 0.99
N ARG A 28 -8.12 16.26 -0.23
CA ARG A 28 -6.89 15.92 -0.99
C ARG A 28 -5.86 17.00 -0.86
N GLU A 29 -6.29 18.25 -0.87
CA GLU A 29 -5.31 19.31 -0.61
C GLU A 29 -5.02 19.76 0.79
N GLU A 30 -5.91 19.48 1.72
CA GLU A 30 -5.70 19.88 3.10
C GLU A 30 -4.48 19.03 3.49
N PHE A 31 -4.63 17.75 3.19
CA PHE A 31 -3.69 16.76 3.65
C PHE A 31 -2.31 17.13 3.14
N VAL A 32 -2.23 17.29 1.83
CA VAL A 32 -1.00 17.76 1.21
C VAL A 32 -0.51 19.05 1.88
N GLY A 33 -1.39 20.00 2.14
CA GLY A 33 -0.88 21.21 2.78
C GLY A 33 -0.30 20.84 4.17
N PHE A 34 -0.60 19.68 4.68
CA PHE A 34 -0.13 19.39 6.03
C PHE A 34 1.38 18.96 6.18
N PHE A 35 2.03 18.45 5.11
CA PHE A 35 3.40 17.97 5.24
C PHE A 35 4.44 18.70 6.09
N PRO A 36 4.74 19.93 5.66
CA PRO A 36 5.78 20.77 6.27
C PRO A 36 5.62 20.73 7.74
N GLN A 37 4.35 20.68 8.12
CA GLN A 37 4.05 20.79 9.49
C GLN A 37 4.67 19.59 10.11
N ILE A 38 4.31 18.41 9.59
CA ILE A 38 4.75 17.16 10.22
C ILE A 38 6.22 17.28 10.14
N VAL A 39 6.66 17.81 9.01
CA VAL A 39 8.09 17.98 8.85
C VAL A 39 8.70 18.86 9.92
N ARG A 40 8.09 20.01 10.19
CA ARG A 40 8.57 20.86 11.33
C ARG A 40 8.52 20.09 12.64
N ASP A 41 7.38 19.41 12.83
CA ASP A 41 7.07 18.60 13.98
C ASP A 41 8.31 17.76 14.21
N LEU A 42 8.68 17.02 13.17
CA LEU A 42 9.75 16.04 13.21
C LEU A 42 11.19 16.47 13.46
N THR A 43 11.50 17.74 13.44
CA THR A 43 12.90 18.11 13.38
C THR A 43 13.24 19.53 13.75
N GLU A 44 12.24 20.43 13.85
CA GLU A 44 12.47 21.84 14.12
C GLU A 44 13.40 22.02 15.28
N ASP A 45 13.11 21.25 16.33
CA ASP A 45 13.84 21.25 17.60
C ASP A 45 15.16 20.53 17.49
N GLY A 46 15.17 19.53 16.62
CA GLY A 46 16.34 18.69 16.40
C GLY A 46 17.50 19.45 15.71
N ILE A 47 17.16 20.18 14.62
CA ILE A 47 18.03 21.06 13.79
C ILE A 47 18.69 22.13 14.66
N GLY A 48 19.89 21.91 15.16
CA GLY A 48 20.46 22.83 16.16
C GLY A 48 21.06 22.14 17.44
N HIS A 49 20.56 20.94 17.81
CA HIS A 49 21.06 20.28 19.02
C HIS A 49 22.52 20.08 18.79
N PRO A 50 23.29 20.78 19.62
CA PRO A 50 24.72 20.80 19.49
C PRO A 50 25.33 19.37 19.62
N GLU A 51 24.51 18.32 19.56
CA GLU A 51 25.00 16.92 19.55
C GLU A 51 24.50 16.20 18.32
N VAL A 52 23.17 16.15 18.18
CA VAL A 52 22.57 15.35 17.13
C VAL A 52 22.17 16.13 15.91
N GLY A 53 22.53 17.39 15.99
CA GLY A 53 22.17 18.26 14.87
C GLY A 53 22.38 17.76 13.43
N ASP A 54 23.58 17.29 13.15
CA ASP A 54 23.90 16.79 11.78
C ASP A 54 22.85 15.71 11.45
N ALA A 55 22.60 14.87 12.47
CA ALA A 55 21.74 13.74 12.28
C ALA A 55 20.36 14.20 11.89
N VAL A 56 19.79 15.11 12.68
CA VAL A 56 18.39 15.46 12.40
C VAL A 56 18.19 16.25 11.13
N ALA A 57 19.28 16.85 10.71
CA ALA A 57 19.30 17.59 9.43
C ALA A 57 19.33 16.65 8.23
N ARG A 58 20.10 15.58 8.34
CA ARG A 58 19.90 14.61 7.32
C ARG A 58 18.48 14.12 7.37
N LEU A 59 18.00 13.77 8.57
CA LEU A 59 16.59 13.30 8.73
C LEU A 59 15.61 14.04 7.89
N LYS A 60 15.79 15.37 7.94
CA LYS A 60 14.88 16.21 7.16
C LYS A 60 14.84 15.79 5.72
N GLU A 61 15.99 15.80 5.05
CA GLU A 61 15.95 15.50 3.63
C GLU A 61 15.51 14.08 3.29
N VAL A 62 15.88 13.18 4.19
CA VAL A 62 15.46 11.78 4.04
C VAL A 62 13.95 11.89 4.07
N LEU A 63 13.48 12.68 5.02
CA LEU A 63 12.03 12.88 5.04
C LEU A 63 11.56 13.55 3.70
N GLN A 64 12.13 14.68 3.34
CA GLN A 64 11.57 15.40 2.20
C GLN A 64 11.64 14.67 0.86
N TYR A 65 12.74 13.95 0.66
CA TYR A 65 12.89 13.19 -0.56
C TYR A 65 11.95 12.03 -0.64
N ASN A 66 11.82 11.34 0.48
CA ASN A 66 11.01 10.14 0.44
C ASN A 66 9.49 10.08 0.61
N ALA A 67 8.92 10.80 1.59
CA ALA A 67 7.47 10.66 1.95
C ALA A 67 6.38 11.19 1.02
N PRO A 68 6.66 12.39 0.48
CA PRO A 68 5.68 13.05 -0.35
C PRO A 68 5.98 12.48 -1.71
N GLY A 69 4.94 12.36 -2.52
CA GLY A 69 5.15 11.87 -3.87
C GLY A 69 4.16 10.89 -4.45
N GLY A 70 3.42 10.18 -3.57
CA GLY A 70 2.41 9.25 -4.02
C GLY A 70 1.17 10.12 -4.31
N LYS A 71 -0.01 9.51 -4.32
CA LYS A 71 -1.24 10.28 -4.46
C LYS A 71 -1.78 10.65 -3.03
N CYS A 72 -1.32 9.86 -2.04
CA CYS A 72 -1.65 9.98 -0.61
C CYS A 72 -2.97 9.31 -0.27
N ASN A 73 -3.55 8.70 -1.27
CA ASN A 73 -4.81 8.12 -1.03
C ASN A 73 -4.87 7.19 0.18
N ARG A 74 -3.71 6.75 0.64
CA ARG A 74 -3.84 5.87 1.79
C ARG A 74 -4.22 6.75 2.95
N GLY A 75 -3.34 7.69 3.24
CA GLY A 75 -3.54 8.64 4.34
C GLY A 75 -4.89 9.31 4.22
N LEU A 76 -5.25 9.81 3.06
CA LEU A 76 -6.54 10.44 2.88
C LEU A 76 -7.69 9.61 3.41
N THR A 77 -7.57 8.32 3.14
CA THR A 77 -8.58 7.43 3.62
C THR A 77 -8.96 7.63 5.09
N VAL A 78 -7.97 7.71 5.96
CA VAL A 78 -8.26 7.94 7.38
C VAL A 78 -9.23 9.12 7.52
N VAL A 79 -8.75 10.25 7.09
CA VAL A 79 -9.57 11.44 7.09
C VAL A 79 -10.95 11.23 6.41
N ALA A 80 -10.99 10.46 5.37
CA ALA A 80 -12.32 10.30 4.84
C ALA A 80 -13.15 9.61 5.93
N ALA A 81 -12.69 8.46 6.40
CA ALA A 81 -13.45 7.75 7.45
C ALA A 81 -13.75 8.51 8.75
N TYR A 82 -12.75 9.25 9.26
CA TYR A 82 -13.03 9.90 10.51
C TYR A 82 -14.20 10.82 10.26
N ARG A 83 -14.24 11.34 9.04
CA ARG A 83 -15.28 12.28 8.70
C ARG A 83 -16.61 11.58 8.69
N GLU A 84 -16.64 10.43 8.04
CA GLU A 84 -17.89 9.76 8.00
C GLU A 84 -18.24 9.26 9.40
N LEU A 85 -17.26 9.08 10.27
CA LEU A 85 -17.56 8.41 11.55
C LEU A 85 -17.86 9.24 12.80
N SER A 86 -17.20 10.38 12.95
CA SER A 86 -17.32 11.25 14.13
C SER A 86 -18.72 11.76 14.15
N GLY A 87 -19.07 12.42 15.25
CA GLY A 87 -20.37 13.09 15.41
C GLY A 87 -20.09 14.60 15.60
N PRO A 88 -21.13 15.43 15.44
CA PRO A 88 -21.00 16.88 15.48
C PRO A 88 -20.19 17.40 16.63
N GLY A 89 -20.10 16.57 17.67
CA GLY A 89 -19.25 16.91 18.82
C GLY A 89 -17.75 16.77 18.50
N GLN A 90 -17.46 15.66 17.83
CA GLN A 90 -16.11 15.31 17.47
C GLN A 90 -15.61 15.78 16.08
N LYS A 91 -16.03 16.99 15.64
CA LYS A 91 -15.59 17.63 14.35
C LYS A 91 -14.71 18.86 14.61
N ASP A 92 -14.25 19.01 15.84
CA ASP A 92 -13.39 20.17 16.09
C ASP A 92 -12.08 20.10 15.33
N ALA A 93 -11.70 21.24 14.80
CA ALA A 93 -10.37 21.55 14.30
C ALA A 93 -9.29 20.70 14.93
N GLU A 94 -9.26 20.80 16.23
CA GLU A 94 -8.40 19.91 16.94
C GLU A 94 -8.61 18.42 16.59
N SER A 95 -9.82 17.88 16.62
CA SER A 95 -9.90 16.51 16.18
C SER A 95 -9.42 16.30 14.74
N LEU A 96 -9.84 17.18 13.84
CA LEU A 96 -9.52 17.10 12.42
C LEU A 96 -8.06 17.05 12.13
N ARG A 97 -7.29 17.85 12.86
CA ARG A 97 -5.84 17.80 12.77
C ARG A 97 -5.25 16.42 12.93
N CYS A 98 -5.65 15.71 13.96
CA CYS A 98 -5.08 14.38 14.27
C CYS A 98 -5.38 13.41 13.19
N ALA A 99 -6.63 13.51 12.81
CA ALA A 99 -7.13 12.71 11.73
C ALA A 99 -6.05 12.94 10.68
N LEU A 100 -5.65 14.19 10.43
CA LEU A 100 -4.56 14.46 9.46
C LEU A 100 -3.25 13.86 9.87
N ALA A 101 -2.85 14.14 11.10
CA ALA A 101 -1.66 13.55 11.62
C ALA A 101 -1.73 12.07 11.41
N VAL A 102 -2.64 11.37 12.06
CA VAL A 102 -2.63 9.95 11.93
C VAL A 102 -2.58 9.49 10.49
N GLY A 103 -2.87 10.43 9.60
CA GLY A 103 -2.76 10.11 8.18
C GLY A 103 -1.35 10.05 7.61
N TRP A 104 -0.61 11.12 7.85
CA TRP A 104 0.74 11.12 7.38
C TRP A 104 1.51 9.96 7.93
N CYS A 105 1.08 9.52 9.13
CA CYS A 105 1.65 8.36 9.81
C CYS A 105 1.59 7.08 8.95
N ILE A 106 0.58 7.02 8.10
CA ILE A 106 0.53 5.83 7.25
C ILE A 106 1.39 6.09 6.02
N GLU A 107 1.24 7.28 5.46
CA GLU A 107 2.19 7.84 4.51
C GLU A 107 3.63 7.73 5.02
N LEU A 108 3.97 7.94 6.28
CA LEU A 108 5.37 7.61 6.59
C LEU A 108 5.66 6.10 6.62
N PHE A 109 4.77 5.31 7.20
CA PHE A 109 4.97 3.87 7.40
C PHE A 109 5.40 3.26 6.09
N GLN A 110 4.71 3.67 5.06
CA GLN A 110 4.99 3.14 3.73
C GLN A 110 6.29 3.61 3.07
N ALA A 111 6.66 4.83 3.32
CA ALA A 111 7.98 5.28 2.92
C ALA A 111 9.02 4.27 3.44
N ALA A 112 9.14 4.21 4.74
CA ALA A 112 10.09 3.35 5.39
C ALA A 112 10.18 2.07 4.62
N SER A 113 9.01 1.51 4.43
CA SER A 113 8.89 0.22 3.81
C SER A 113 9.50 0.30 2.47
N LEU A 114 8.92 1.12 1.63
CA LEU A 114 9.46 1.15 0.30
C LEU A 114 10.81 1.71 0.03
N VAL A 115 11.30 2.48 0.97
CA VAL A 115 12.67 2.78 0.89
C VAL A 115 13.32 1.39 0.97
N ALA A 116 12.99 0.65 2.03
CA ALA A 116 13.55 -0.71 2.22
C ALA A 116 13.50 -1.59 1.00
N ASP A 117 12.27 -1.80 0.48
CA ASP A 117 12.08 -2.70 -0.62
C ASP A 117 13.05 -2.37 -1.71
N ASP A 118 13.20 -1.08 -2.00
CA ASP A 118 14.13 -0.70 -3.06
C ASP A 118 15.53 -1.31 -3.03
N ILE A 119 16.21 -1.20 -1.89
CA ILE A 119 17.50 -1.84 -1.65
C ILE A 119 17.53 -3.34 -1.89
N MET A 120 16.49 -4.01 -1.40
CA MET A 120 16.49 -5.48 -1.41
C MET A 120 16.16 -5.93 -2.80
N ASP A 121 15.42 -5.10 -3.52
CA ASP A 121 15.12 -5.44 -4.87
C ASP A 121 16.11 -4.81 -5.89
N GLN A 122 17.02 -3.98 -5.40
CA GLN A 122 18.07 -3.47 -6.29
C GLN A 122 17.47 -2.70 -7.48
N SER A 123 16.31 -2.08 -7.24
CA SER A 123 15.68 -1.22 -8.23
C SER A 123 16.57 0.00 -8.40
N LEU A 124 16.08 0.85 -9.32
CA LEU A 124 16.81 1.98 -9.84
C LEU A 124 15.89 3.16 -9.67
N THR A 125 14.62 2.90 -9.89
CA THR A 125 13.74 4.04 -9.90
C THR A 125 12.48 3.86 -9.06
N ARG A 126 12.01 5.01 -8.58
CA ARG A 126 10.80 5.08 -7.74
C ARG A 126 10.08 6.36 -7.98
N ARG A 127 8.80 6.19 -7.86
CA ARG A 127 7.90 7.30 -7.93
C ARG A 127 8.46 8.50 -8.67
N GLY A 128 9.05 8.17 -9.80
CA GLY A 128 9.50 9.17 -10.73
C GLY A 128 10.95 9.54 -10.54
N GLN A 129 11.54 9.09 -9.46
CA GLN A 129 12.90 9.52 -9.39
C GLN A 129 13.77 8.39 -8.97
N LEU A 130 15.03 8.71 -8.79
CA LEU A 130 15.99 7.71 -8.41
C LEU A 130 15.96 7.28 -6.91
N CYS A 131 15.99 5.96 -6.68
CA CYS A 131 15.99 5.46 -5.31
C CYS A 131 16.89 6.17 -4.29
N TRP A 132 16.46 6.20 -3.04
CA TRP A 132 17.20 7.00 -2.12
C TRP A 132 18.57 6.25 -2.01
N TYR A 133 18.57 4.93 -1.89
CA TYR A 133 19.87 4.26 -1.75
C TYR A 133 20.88 4.54 -2.86
N LYS A 134 20.36 4.86 -4.03
CA LYS A 134 21.12 5.09 -5.26
C LYS A 134 21.81 6.40 -5.22
N LYS A 135 21.22 7.40 -4.59
CA LYS A 135 21.90 8.68 -4.56
C LYS A 135 23.33 8.37 -4.04
N GLU A 136 24.33 8.55 -4.88
CA GLU A 136 25.71 8.49 -4.38
C GLU A 136 25.79 9.07 -2.91
N GLY A 137 26.76 8.61 -2.12
CA GLY A 137 26.97 9.25 -0.83
C GLY A 137 26.13 8.60 0.23
N VAL A 138 25.05 7.99 -0.27
CA VAL A 138 23.98 7.39 0.49
C VAL A 138 24.25 5.87 0.46
N GLY A 139 23.82 5.21 -0.59
CA GLY A 139 24.12 3.80 -0.62
C GLY A 139 23.42 2.97 0.42
N LEU A 140 24.22 2.19 1.14
CA LEU A 140 23.70 1.26 2.16
C LEU A 140 23.15 1.84 3.47
N ASP A 141 23.58 3.08 3.75
CA ASP A 141 23.17 3.96 4.83
C ASP A 141 21.67 4.06 4.72
N ALA A 142 21.09 3.71 3.58
CA ALA A 142 19.68 3.90 3.57
C ALA A 142 19.04 2.95 4.61
N ILE A 143 19.70 1.85 4.93
CA ILE A 143 19.07 0.89 5.85
C ILE A 143 18.66 1.60 7.14
N ASN A 144 19.57 2.40 7.64
CA ASN A 144 19.22 3.20 8.77
C ASN A 144 18.21 4.30 8.50
N ASP A 145 18.24 4.86 7.28
CA ASP A 145 17.34 5.98 6.99
C ASP A 145 15.95 5.40 6.99
N SER A 146 15.86 4.15 6.62
CA SER A 146 14.57 3.51 6.61
C SER A 146 14.10 3.39 8.04
N PHE A 147 15.04 3.07 8.91
CA PHE A 147 14.64 2.73 10.24
C PHE A 147 14.05 3.91 10.92
N LEU A 148 14.53 5.10 10.58
CA LEU A 148 14.19 6.40 11.18
C LEU A 148 12.94 7.01 10.63
N LEU A 149 12.60 6.52 9.44
CA LEU A 149 11.33 6.92 8.88
C LEU A 149 10.28 6.19 9.72
N GLU A 150 10.61 4.94 10.00
CA GLU A 150 9.81 4.07 10.91
C GLU A 150 9.55 4.76 12.29
N SER A 151 10.62 5.19 12.91
CA SER A 151 10.46 5.96 14.09
C SER A 151 9.56 7.16 13.90
N SER A 152 9.78 7.84 12.80
CA SER A 152 9.01 9.03 12.63
C SER A 152 7.53 8.82 12.89
N VAL A 153 7.09 7.62 12.60
CA VAL A 153 5.69 7.35 12.76
C VAL A 153 5.23 7.40 14.21
N TYR A 154 6.00 6.82 15.12
CA TYR A 154 5.63 6.83 16.53
C TYR A 154 6.03 8.16 17.26
N ARG A 155 6.76 8.99 16.51
CA ARG A 155 7.11 10.31 17.00
C ARG A 155 5.99 11.28 16.76
N VAL A 156 5.20 11.02 15.73
CA VAL A 156 4.03 11.82 15.46
C VAL A 156 2.82 11.44 16.26
N LEU A 157 2.52 10.14 16.32
CA LEU A 157 1.35 9.72 17.07
C LEU A 157 1.61 10.20 18.53
N LYS A 158 2.86 10.22 18.98
CA LYS A 158 3.03 10.49 20.37
C LYS A 158 2.74 11.93 20.54
N LYS A 159 3.16 12.73 19.59
CA LYS A 159 2.91 14.14 19.73
C LYS A 159 1.45 14.50 19.67
N TYR A 160 0.73 13.86 18.77
CA TYR A 160 -0.64 14.33 18.59
C TYR A 160 -1.67 13.56 19.40
N CYS A 161 -1.40 12.34 19.83
CA CYS A 161 -2.45 11.54 20.48
C CYS A 161 -2.21 11.16 21.93
N ARG A 162 -0.96 11.22 22.36
CA ARG A 162 -0.54 10.76 23.67
C ARG A 162 -1.60 10.96 24.77
N GLN A 163 -2.38 12.04 24.64
CA GLN A 163 -3.45 12.29 25.60
C GLN A 163 -4.81 12.07 25.03
N ARG A 164 -5.04 10.85 24.53
CA ARG A 164 -6.38 10.52 24.02
C ARG A 164 -6.64 9.09 24.37
N PRO A 165 -7.86 8.85 24.75
CA PRO A 165 -8.23 7.51 25.19
C PRO A 165 -7.74 6.37 24.25
N TYR A 166 -7.67 6.65 22.94
CA TYR A 166 -7.27 5.59 22.04
C TYR A 166 -5.78 5.43 21.73
N TYR A 167 -4.90 6.27 22.28
CA TYR A 167 -3.43 6.21 22.12
C TYR A 167 -2.93 4.78 21.95
N VAL A 168 -2.85 4.01 23.04
CA VAL A 168 -2.50 2.58 22.98
C VAL A 168 -3.13 1.80 21.80
N HIS A 169 -4.42 2.03 21.56
CA HIS A 169 -5.09 1.25 20.53
C HIS A 169 -4.39 1.50 19.22
N LEU A 170 -4.07 2.75 18.94
CA LEU A 170 -3.27 3.18 17.81
C LEU A 170 -1.80 2.64 17.83
N LEU A 171 -1.07 2.86 18.93
CA LEU A 171 0.29 2.33 19.05
C LEU A 171 0.25 0.89 18.64
N GLU A 172 -0.69 0.21 19.22
CA GLU A 172 -0.84 -1.20 18.99
C GLU A 172 -1.23 -1.53 17.54
N LEU A 173 -2.05 -0.72 16.92
CA LEU A 173 -2.47 -1.06 15.56
C LEU A 173 -1.22 -1.01 14.62
N PHE A 174 -0.60 0.15 14.52
CA PHE A 174 0.59 0.37 13.71
C PHE A 174 1.63 -0.68 13.94
N LEU A 175 1.91 -0.89 15.19
CA LEU A 175 2.95 -1.86 15.53
C LEU A 175 2.50 -3.20 15.01
N GLN A 176 1.21 -3.52 15.07
CA GLN A 176 0.77 -4.92 14.71
C GLN A 176 0.96 -5.00 13.24
N THR A 177 0.42 -4.01 12.58
CA THR A 177 0.52 -4.06 11.14
C THR A 177 1.93 -4.15 10.53
N ALA A 178 2.93 -3.58 11.16
CA ALA A 178 4.24 -3.68 10.54
C ALA A 178 4.69 -5.12 10.60
N TYR A 179 4.28 -5.82 11.63
CA TYR A 179 4.70 -7.20 11.75
C TYR A 179 4.12 -8.01 10.67
N GLN A 180 2.81 -7.89 10.57
CA GLN A 180 2.18 -8.73 9.55
C GLN A 180 2.73 -8.41 8.15
N THR A 181 3.01 -7.14 7.89
CA THR A 181 3.49 -6.75 6.56
C THR A 181 4.91 -7.24 6.43
N GLU A 182 5.71 -7.00 7.46
CA GLU A 182 7.04 -7.52 7.43
C GLU A 182 7.08 -9.03 7.09
N LEU A 183 6.03 -9.75 7.52
CA LEU A 183 5.92 -11.18 7.26
C LEU A 183 5.65 -11.36 5.81
N GLY A 184 4.60 -10.73 5.30
CA GLY A 184 4.30 -10.83 3.88
C GLY A 184 5.56 -10.56 2.98
N GLN A 185 6.32 -9.54 3.37
CA GLN A 185 7.42 -9.08 2.55
C GLN A 185 8.32 -10.27 2.57
N MET A 186 8.46 -10.68 3.82
CA MET A 186 9.36 -11.74 4.09
C MET A 186 8.87 -12.94 3.30
N LEU A 187 7.62 -12.95 2.95
CA LEU A 187 7.21 -14.16 2.26
C LEU A 187 7.75 -14.05 0.86
N ASP A 188 7.45 -12.94 0.23
CA ASP A 188 7.84 -12.63 -1.13
C ASP A 188 9.26 -13.10 -1.39
N LEU A 189 10.17 -12.51 -0.62
CA LEU A 189 11.59 -12.69 -0.73
C LEU A 189 12.00 -14.09 -1.00
N ILE A 190 11.33 -14.94 -0.26
CA ILE A 190 11.59 -16.36 -0.25
C ILE A 190 10.98 -16.89 -1.50
N THR A 191 9.70 -16.64 -1.67
CA THR A 191 9.01 -17.15 -2.81
C THR A 191 9.69 -16.70 -4.10
N ALA A 192 10.09 -15.43 -4.23
CA ALA A 192 10.70 -15.01 -5.48
C ALA A 192 12.25 -14.95 -5.44
N PRO A 193 12.92 -15.98 -5.98
CA PRO A 193 14.38 -16.00 -6.04
C PRO A 193 14.82 -16.77 -7.32
N VAL A 194 15.83 -16.22 -8.01
CA VAL A 194 16.35 -16.74 -9.28
C VAL A 194 17.46 -17.75 -9.15
N SER A 195 17.55 -18.43 -8.01
CA SER A 195 18.55 -19.48 -7.76
C SER A 195 18.03 -20.65 -8.59
N LYS A 196 16.76 -20.94 -8.30
CA LYS A 196 16.02 -21.93 -9.05
C LYS A 196 14.84 -21.22 -9.69
N VAL A 197 14.96 -19.88 -9.82
CA VAL A 197 13.96 -19.00 -10.48
C VAL A 197 12.52 -19.33 -10.08
N ASP A 198 12.11 -20.53 -10.48
CA ASP A 198 10.87 -21.20 -10.10
C ASP A 198 9.52 -20.57 -10.21
N LEU A 199 8.61 -21.44 -10.59
CA LEU A 199 7.26 -21.04 -10.96
C LEU A 199 6.49 -22.14 -10.33
N SER A 200 7.25 -22.82 -9.46
CA SER A 200 6.83 -23.97 -8.66
C SER A 200 6.01 -23.40 -7.53
N HIS A 201 6.74 -22.74 -6.62
CA HIS A 201 6.14 -22.06 -5.51
C HIS A 201 5.63 -20.69 -5.88
N PHE A 202 4.94 -20.62 -7.02
CA PHE A 202 4.07 -19.50 -7.28
C PHE A 202 2.67 -20.12 -7.14
N SER A 203 2.20 -20.35 -5.90
CA SER A 203 0.86 -20.89 -5.71
C SER A 203 -0.10 -19.78 -5.39
N GLU A 204 -1.27 -19.90 -6.02
CA GLU A 204 -2.39 -18.96 -5.87
C GLU A 204 -2.52 -18.62 -4.43
N GLU A 205 -2.50 -19.71 -3.68
CA GLU A 205 -2.68 -19.56 -2.29
C GLU A 205 -1.49 -18.88 -1.76
N ARG A 206 -0.39 -18.96 -2.44
CA ARG A 206 0.76 -18.31 -1.86
C ARG A 206 0.66 -16.83 -2.23
N TYR A 207 0.37 -16.60 -3.49
CA TYR A 207 0.31 -15.26 -4.03
C TYR A 207 -0.56 -14.46 -3.14
N LYS A 208 -1.80 -14.87 -3.12
CA LYS A 208 -2.78 -14.26 -2.26
C LYS A 208 -2.52 -14.24 -0.76
N ALA A 209 -1.47 -14.92 -0.34
CA ALA A 209 -1.10 -14.74 1.04
C ALA A 209 -0.13 -13.62 1.13
N ILE A 210 0.64 -13.52 0.06
CA ILE A 210 1.57 -12.41 -0.08
C ILE A 210 0.77 -11.11 -0.15
N VAL A 211 -0.20 -11.10 -1.03
CA VAL A 211 -1.16 -10.02 -1.07
C VAL A 211 -1.76 -9.69 0.36
N LYS A 212 -2.44 -10.65 1.01
CA LYS A 212 -3.14 -10.42 2.26
C LYS A 212 -2.25 -9.73 3.21
N TYR A 213 -1.00 -10.17 3.24
CA TYR A 213 -0.09 -9.65 4.26
C TYR A 213 0.85 -8.54 3.89
N LYS A 214 1.42 -8.54 2.68
CA LYS A 214 2.29 -7.41 2.33
C LYS A 214 1.55 -6.14 1.89
N THR A 215 0.26 -6.14 1.59
CA THR A 215 -0.20 -4.83 1.22
C THR A 215 -1.54 -4.60 1.77
N ALA A 216 -2.33 -5.68 1.84
CA ALA A 216 -3.73 -5.50 2.25
C ALA A 216 -3.97 -4.85 3.63
N PHE A 217 -3.28 -5.37 4.63
CA PHE A 217 -3.45 -4.80 5.94
C PHE A 217 -3.05 -3.35 5.96
N TYR A 218 -1.92 -2.96 5.42
CA TYR A 218 -1.56 -1.60 5.75
C TYR A 218 -2.21 -0.65 4.81
N SER A 219 -2.72 -1.18 3.73
CA SER A 219 -3.33 -0.38 2.69
C SER A 219 -4.85 -0.12 2.87
N PHE A 220 -5.59 -1.13 3.36
CA PHE A 220 -7.03 -0.95 3.61
C PHE A 220 -7.54 -0.97 5.08
N TYR A 221 -7.05 -1.94 5.84
CA TYR A 221 -7.43 -2.04 7.23
C TYR A 221 -6.88 -0.88 8.11
N LEU A 222 -5.57 -0.69 8.10
CA LEU A 222 -4.98 0.24 9.04
C LEU A 222 -5.57 1.63 9.15
N PRO A 223 -6.17 2.12 8.08
CA PRO A 223 -6.65 3.49 8.15
C PRO A 223 -8.10 3.44 8.50
N VAL A 224 -8.91 2.59 7.87
CA VAL A 224 -10.29 2.64 8.32
C VAL A 224 -10.32 2.28 9.80
N ALA A 225 -9.69 1.17 10.15
CA ALA A 225 -9.52 0.82 11.54
C ALA A 225 -9.02 1.89 12.42
N ALA A 226 -8.17 2.75 11.92
CA ALA A 226 -7.57 3.70 12.86
C ALA A 226 -8.64 4.77 13.11
N ALA A 227 -9.50 4.94 12.10
CA ALA A 227 -10.62 5.85 12.18
C ALA A 227 -11.60 5.27 13.26
N MET A 228 -11.86 3.97 13.22
CA MET A 228 -12.73 3.33 14.15
C MET A 228 -12.31 3.52 15.56
N TYR A 229 -11.09 3.20 15.90
CA TYR A 229 -10.62 3.53 17.27
C TYR A 229 -10.65 5.07 17.69
N MET A 230 -10.75 6.00 16.77
CA MET A 230 -10.59 7.33 17.25
C MET A 230 -11.99 7.81 17.53
N VAL A 231 -12.99 7.18 16.96
CA VAL A 231 -14.29 7.66 17.39
C VAL A 231 -14.72 6.83 18.54
N GLY A 232 -14.01 5.77 18.88
CA GLY A 232 -14.51 4.87 19.92
C GLY A 232 -14.76 3.38 19.61
N ILE A 233 -15.22 3.05 18.41
CA ILE A 233 -15.50 1.65 18.11
C ILE A 233 -14.29 0.77 18.30
N ASP A 234 -14.14 0.20 19.49
CA ASP A 234 -12.93 -0.57 19.79
C ASP A 234 -13.37 -1.98 20.00
N SER A 235 -14.57 -2.27 19.53
CA SER A 235 -15.15 -3.60 19.59
C SER A 235 -14.36 -4.62 18.75
N LYS A 236 -13.80 -5.61 19.42
CA LYS A 236 -13.15 -6.67 18.68
C LYS A 236 -13.92 -7.28 17.49
N GLU A 237 -15.20 -7.59 17.58
CA GLU A 237 -15.78 -8.28 16.43
C GLU A 237 -16.33 -7.24 15.49
N GLU A 238 -16.12 -5.97 15.85
CA GLU A 238 -16.38 -4.89 14.89
C GLU A 238 -15.15 -4.63 14.03
N HIS A 239 -14.01 -4.92 14.59
CA HIS A 239 -12.86 -4.82 13.74
C HIS A 239 -12.89 -5.94 12.82
N GLU A 240 -13.41 -7.03 13.33
CA GLU A 240 -13.52 -8.18 12.48
C GLU A 240 -14.49 -7.93 11.36
N ASN A 241 -15.55 -7.18 11.59
CA ASN A 241 -16.48 -6.91 10.49
C ASN A 241 -15.91 -5.95 9.46
N ALA A 242 -14.80 -5.31 9.81
CA ALA A 242 -14.17 -4.41 8.86
C ALA A 242 -13.17 -5.19 8.00
N LYS A 243 -12.23 -5.83 8.67
CA LYS A 243 -11.21 -6.67 8.10
C LYS A 243 -11.82 -7.54 7.07
N ALA A 244 -13.00 -8.04 7.38
CA ALA A 244 -13.77 -8.87 6.46
C ALA A 244 -13.85 -8.18 5.13
N ILE A 245 -14.53 -7.06 5.15
CA ILE A 245 -14.83 -6.46 3.87
C ILE A 245 -13.61 -5.94 3.15
N LEU A 246 -12.78 -5.22 3.90
CA LEU A 246 -11.74 -4.46 3.27
C LEU A 246 -10.75 -5.36 2.63
N LEU A 247 -10.41 -6.50 3.26
CA LEU A 247 -9.37 -7.39 2.71
C LEU A 247 -9.68 -7.96 1.34
N GLU A 248 -10.96 -8.12 1.04
CA GLU A 248 -11.28 -8.51 -0.30
C GLU A 248 -10.77 -7.36 -1.17
N MET A 249 -11.25 -6.15 -0.86
CA MET A 249 -10.91 -4.95 -1.61
C MET A 249 -9.43 -4.67 -1.82
N GLY A 250 -8.65 -5.21 -0.90
CA GLY A 250 -7.26 -4.98 -0.97
C GLY A 250 -6.80 -6.09 -1.86
N GLU A 251 -7.37 -7.28 -1.73
CA GLU A 251 -6.95 -8.27 -2.68
C GLU A 251 -7.23 -7.84 -4.14
N TYR A 252 -8.50 -7.58 -4.49
CA TYR A 252 -8.88 -7.17 -5.84
C TYR A 252 -8.00 -6.03 -6.24
N PHE A 253 -7.80 -5.14 -5.31
CA PHE A 253 -7.13 -3.98 -5.73
C PHE A 253 -5.78 -4.30 -6.26
N GLN A 254 -5.13 -5.27 -5.66
CA GLN A 254 -3.80 -5.64 -6.08
C GLN A 254 -3.82 -6.52 -7.27
N ILE A 255 -4.77 -7.44 -7.29
CA ILE A 255 -4.92 -8.23 -8.46
C ILE A 255 -4.97 -7.21 -9.59
N GLN A 256 -5.92 -6.28 -9.50
CA GLN A 256 -6.17 -5.25 -10.51
C GLN A 256 -4.89 -4.53 -10.85
N ASP A 257 -4.12 -4.21 -9.83
CA ASP A 257 -2.98 -3.41 -10.12
C ASP A 257 -2.09 -4.28 -10.89
N ASP A 258 -2.29 -5.57 -10.72
CA ASP A 258 -1.58 -6.56 -11.53
C ASP A 258 -1.85 -6.66 -13.01
N TYR A 259 -3.11 -6.40 -13.43
CA TYR A 259 -3.58 -6.46 -14.83
C TYR A 259 -3.20 -5.19 -15.54
N LEU A 260 -3.62 -4.06 -14.96
CA LEU A 260 -3.34 -2.75 -15.53
C LEU A 260 -1.84 -2.50 -15.64
N ASP A 261 -0.99 -3.51 -15.60
CA ASP A 261 0.47 -3.30 -15.69
C ASP A 261 0.96 -3.80 -17.04
N CYS A 262 0.29 -4.85 -17.53
CA CYS A 262 0.67 -5.43 -18.79
C CYS A 262 -0.57 -5.41 -19.66
N PHE A 263 -1.71 -5.84 -19.12
CA PHE A 263 -2.93 -5.85 -19.92
C PHE A 263 -3.76 -4.65 -20.31
N GLY A 264 -3.33 -3.43 -20.05
CA GLY A 264 -4.21 -2.30 -20.38
C GLY A 264 -3.33 -1.09 -20.20
N ASP A 265 -3.68 0.01 -20.87
CA ASP A 265 -2.79 1.16 -20.91
C ASP A 265 -3.38 2.57 -20.98
N PRO A 266 -4.39 2.79 -21.85
CA PRO A 266 -5.04 4.13 -21.99
C PRO A 266 -5.42 5.07 -20.79
N ALA A 267 -4.51 6.00 -20.54
CA ALA A 267 -4.64 7.00 -19.51
C ALA A 267 -4.17 6.38 -18.20
N LEU A 268 -3.63 5.18 -18.27
CA LEU A 268 -3.10 4.51 -17.09
C LEU A 268 -2.29 5.36 -16.12
N THR A 269 -2.75 5.36 -14.86
CA THR A 269 -2.10 6.04 -13.73
C THR A 269 -1.30 5.10 -12.79
N GLY A 270 -0.48 5.77 -11.98
CA GLY A 270 0.48 5.15 -11.10
C GLY A 270 1.71 5.34 -11.98
N LYS A 271 2.16 4.21 -12.54
CA LYS A 271 3.32 4.23 -13.45
C LYS A 271 3.05 3.42 -14.71
N VAL A 272 2.95 4.11 -15.83
CA VAL A 272 2.77 3.37 -17.06
C VAL A 272 4.04 3.02 -17.84
N GLY A 273 4.10 1.74 -18.22
CA GLY A 273 5.29 1.04 -18.72
C GLY A 273 5.01 -0.45 -18.38
N THR A 274 5.81 -1.13 -17.54
CA THR A 274 5.55 -2.55 -17.23
C THR A 274 6.65 -3.36 -16.59
N ASP A 275 6.25 -4.54 -16.12
CA ASP A 275 7.14 -5.62 -15.76
C ASP A 275 6.88 -7.11 -16.15
N ILE A 276 7.85 -7.98 -15.79
CA ILE A 276 8.01 -9.43 -16.16
C ILE A 276 9.54 -9.63 -16.12
N GLN A 277 10.27 -8.57 -16.52
CA GLN A 277 11.71 -8.49 -16.37
C GLN A 277 11.99 -8.96 -14.95
N ASP A 278 11.14 -8.45 -14.05
CA ASP A 278 11.21 -8.77 -12.64
C ASP A 278 10.44 -10.06 -12.48
N ASN A 279 11.07 -11.13 -12.01
CA ASN A 279 10.37 -12.41 -11.79
C ASN A 279 9.11 -12.26 -10.85
N LYS A 280 8.57 -11.04 -10.85
CA LYS A 280 7.44 -10.60 -10.04
C LYS A 280 6.33 -11.67 -9.99
N CYS A 281 5.96 -12.14 -8.80
CA CYS A 281 4.82 -13.07 -8.63
C CYS A 281 3.57 -12.21 -8.78
N SER A 282 2.72 -12.52 -9.75
CA SER A 282 1.66 -11.61 -10.14
C SER A 282 0.50 -12.48 -10.64
N TRP A 283 -0.73 -12.10 -10.31
CA TRP A 283 -1.93 -12.91 -10.60
C TRP A 283 -1.85 -13.53 -12.00
N LEU A 284 -1.36 -12.68 -12.91
CA LEU A 284 -1.24 -12.97 -14.33
C LEU A 284 -0.55 -14.28 -14.56
N VAL A 285 0.68 -14.30 -14.08
CA VAL A 285 1.46 -15.50 -14.20
C VAL A 285 0.69 -16.68 -13.57
N VAL A 286 0.52 -16.61 -12.24
CA VAL A 286 -0.21 -17.62 -11.47
C VAL A 286 -1.37 -18.25 -12.21
N GLN A 287 -2.26 -17.38 -12.70
CA GLN A 287 -3.37 -17.72 -13.56
C GLN A 287 -2.80 -18.47 -14.73
N CYS A 288 -1.83 -17.85 -15.43
CA CYS A 288 -1.26 -18.45 -16.64
C CYS A 288 -0.86 -19.95 -16.41
N LEU A 289 -0.15 -20.15 -15.31
CA LEU A 289 0.49 -21.41 -14.97
C LEU A 289 -0.42 -22.56 -14.62
N GLN A 290 -1.67 -22.49 -15.06
CA GLN A 290 -2.60 -23.56 -14.71
C GLN A 290 -3.70 -23.53 -15.75
N ARG A 291 -3.40 -22.85 -16.85
CA ARG A 291 -4.24 -22.89 -18.04
C ARG A 291 -3.09 -23.14 -19.02
N VAL A 292 -2.09 -23.85 -18.52
CA VAL A 292 -0.90 -24.08 -19.31
C VAL A 292 -0.72 -25.56 -19.42
N THR A 293 0.15 -25.92 -20.35
CA THR A 293 0.58 -27.28 -20.58
C THR A 293 2.11 -27.27 -20.61
N PRO A 294 2.71 -28.46 -20.71
CA PRO A 294 4.15 -28.55 -20.68
C PRO A 294 4.72 -27.73 -21.84
N GLU A 295 3.92 -27.50 -22.87
CA GLU A 295 4.52 -26.72 -23.93
C GLU A 295 4.73 -25.26 -23.52
N GLN A 296 3.63 -24.55 -23.32
CA GLN A 296 3.80 -23.16 -22.91
C GLN A 296 4.56 -23.08 -21.57
N ARG A 297 4.19 -24.00 -20.68
CA ARG A 297 4.71 -24.02 -19.31
C ARG A 297 6.20 -23.74 -19.31
N GLN A 298 6.92 -24.22 -20.34
CA GLN A 298 8.36 -23.94 -20.47
C GLN A 298 8.62 -22.67 -21.24
N LEU A 299 7.69 -22.40 -22.14
CA LEU A 299 7.75 -21.22 -22.98
C LEU A 299 7.96 -20.06 -22.02
N LEU A 300 6.91 -19.84 -21.24
CA LEU A 300 6.89 -18.76 -20.28
C LEU A 300 7.78 -18.98 -19.07
N GLU A 301 7.83 -20.20 -18.55
CA GLU A 301 8.78 -20.43 -17.50
C GLU A 301 10.19 -20.20 -18.00
N ASP A 302 10.31 -19.95 -19.29
CA ASP A 302 11.64 -19.72 -19.78
C ASP A 302 11.97 -18.25 -19.92
N ASN A 303 11.22 -17.62 -20.81
CA ASN A 303 11.30 -16.16 -21.06
C ASN A 303 10.66 -15.17 -20.03
N TYR A 304 10.16 -15.67 -18.89
CA TYR A 304 9.71 -14.80 -17.80
C TYR A 304 10.91 -14.24 -17.03
N GLY A 305 10.60 -13.44 -16.01
CA GLY A 305 11.65 -12.86 -15.19
C GLY A 305 12.85 -12.31 -15.98
N ARG A 306 12.74 -12.26 -17.31
CA ARG A 306 13.86 -11.74 -18.12
C ARG A 306 13.53 -10.63 -19.05
N LYS A 307 14.37 -9.60 -19.01
CA LYS A 307 14.15 -8.39 -19.80
C LYS A 307 14.78 -8.36 -21.22
N GLU A 308 14.13 -9.06 -22.14
CA GLU A 308 14.52 -9.12 -23.56
C GLU A 308 13.22 -9.10 -24.36
N PRO A 309 13.01 -7.92 -24.92
CA PRO A 309 11.94 -7.64 -25.86
C PRO A 309 11.32 -8.84 -26.61
N GLU A 310 12.10 -9.87 -26.97
CA GLU A 310 11.37 -10.96 -27.60
C GLU A 310 10.57 -11.59 -26.48
N LYS A 311 11.31 -12.25 -25.61
CA LYS A 311 10.77 -12.82 -24.39
C LYS A 311 9.60 -11.99 -23.74
N VAL A 312 9.97 -10.96 -23.01
CA VAL A 312 9.02 -10.12 -22.34
C VAL A 312 7.81 -9.95 -23.26
N ALA A 313 8.11 -9.48 -24.45
CA ALA A 313 7.00 -9.22 -25.33
C ALA A 313 6.40 -10.51 -25.80
N LYS A 314 6.94 -11.62 -25.33
CA LYS A 314 6.59 -12.91 -25.90
C LYS A 314 5.73 -13.71 -24.95
N VAL A 315 6.06 -13.56 -23.67
CA VAL A 315 5.32 -14.10 -22.52
C VAL A 315 3.94 -13.44 -22.48
N LYS A 316 3.90 -12.17 -22.87
CA LYS A 316 2.64 -11.49 -23.01
C LYS A 316 1.77 -12.40 -23.86
N GLU A 317 2.30 -12.68 -25.06
CA GLU A 317 1.69 -13.55 -26.10
C GLU A 317 1.01 -14.81 -25.53
N LEU A 318 1.79 -15.52 -24.72
CA LEU A 318 1.32 -16.71 -24.06
C LEU A 318 0.07 -16.30 -23.21
N TYR A 319 0.17 -15.27 -22.36
CA TYR A 319 -0.93 -14.77 -21.50
C TYR A 319 -2.17 -14.57 -22.36
N GLU A 320 -1.80 -14.14 -23.55
CA GLU A 320 -2.69 -13.76 -24.62
C GLU A 320 -3.10 -15.06 -25.30
N ALA A 321 -2.12 -15.97 -25.33
CA ALA A 321 -2.26 -17.28 -25.90
C ALA A 321 -3.17 -18.11 -24.96
N VAL A 322 -3.22 -17.73 -23.70
CA VAL A 322 -4.09 -18.48 -22.84
C VAL A 322 -5.43 -17.77 -22.67
N GLY A 323 -5.39 -16.43 -22.75
CA GLY A 323 -6.55 -15.49 -22.69
C GLY A 323 -6.77 -14.70 -21.37
N MET A 324 -5.87 -13.79 -21.03
CA MET A 324 -6.02 -13.24 -19.72
C MET A 324 -7.25 -12.45 -19.30
N ARG A 325 -7.64 -11.49 -20.14
CA ARG A 325 -8.68 -10.51 -19.85
C ARG A 325 -10.00 -11.20 -19.64
N ALA A 326 -9.99 -12.49 -19.95
CA ALA A 326 -11.16 -13.32 -19.62
C ALA A 326 -11.32 -13.49 -18.11
N ALA A 327 -10.41 -14.26 -17.53
CA ALA A 327 -10.43 -14.52 -16.11
C ALA A 327 -10.46 -13.20 -15.41
N PHE A 328 -9.78 -12.21 -15.99
CA PHE A 328 -9.79 -10.89 -15.36
C PHE A 328 -11.25 -10.45 -15.31
N GLN A 329 -11.91 -10.79 -16.40
CA GLN A 329 -13.28 -10.48 -16.41
C GLN A 329 -14.16 -11.28 -15.50
N GLN A 330 -14.03 -12.59 -15.60
CA GLN A 330 -14.79 -13.45 -14.71
C GLN A 330 -14.23 -13.29 -13.29
N TYR A 331 -13.26 -12.39 -13.18
CA TYR A 331 -12.73 -12.11 -11.86
C TYR A 331 -13.42 -10.88 -11.37
N GLU A 332 -12.97 -9.73 -11.82
CA GLU A 332 -13.66 -8.48 -11.51
C GLU A 332 -15.20 -8.54 -11.58
N GLU A 333 -15.75 -9.43 -12.40
CA GLU A 333 -17.21 -9.67 -12.41
C GLU A 333 -17.68 -10.30 -11.07
N SER A 334 -16.93 -11.29 -10.60
CA SER A 334 -17.29 -12.02 -9.38
C SER A 334 -17.12 -11.16 -8.14
N SER A 335 -16.12 -10.29 -8.18
CA SER A 335 -15.80 -9.61 -6.93
C SER A 335 -16.84 -8.59 -6.47
N TYR A 336 -17.05 -7.57 -7.31
CA TYR A 336 -17.93 -6.50 -6.98
C TYR A 336 -19.17 -7.14 -6.49
N ARG A 337 -19.51 -8.30 -7.03
CA ARG A 337 -20.57 -9.09 -6.42
C ARG A 337 -20.19 -9.41 -4.93
N ARG A 338 -19.25 -10.36 -4.75
CA ARG A 338 -18.81 -10.87 -3.44
C ARG A 338 -18.70 -9.71 -2.48
N LEU A 339 -18.08 -8.64 -2.97
CA LEU A 339 -17.93 -7.49 -2.16
C LEU A 339 -19.26 -7.03 -1.62
N GLN A 340 -20.15 -6.50 -2.44
CA GLN A 340 -21.41 -6.08 -1.87
C GLN A 340 -22.02 -6.93 -0.81
N GLU A 341 -22.16 -8.21 -1.08
CA GLU A 341 -22.58 -9.12 0.00
C GLU A 341 -21.92 -9.01 1.33
N LEU A 342 -20.63 -9.22 1.32
CA LEU A 342 -19.71 -8.95 2.43
C LEU A 342 -20.07 -7.60 3.08
N ILE A 343 -20.59 -6.66 2.32
CA ILE A 343 -20.91 -5.47 3.01
C ILE A 343 -22.15 -5.72 3.79
N GLU A 344 -23.17 -6.19 3.08
CA GLU A 344 -24.44 -6.38 3.78
C GLU A 344 -24.47 -7.67 4.55
N LYS A 345 -23.46 -7.86 5.40
CA LYS A 345 -23.36 -8.96 6.38
C LYS A 345 -22.32 -8.52 7.38
N HIS A 346 -21.72 -7.37 7.08
CA HIS A 346 -20.58 -6.97 7.86
C HIS A 346 -20.79 -5.52 8.18
N SER A 347 -21.77 -4.93 7.51
CA SER A 347 -22.09 -3.52 7.75
C SER A 347 -23.22 -3.11 8.72
N ASN A 348 -23.37 -3.84 9.83
CA ASN A 348 -24.31 -3.43 10.89
C ASN A 348 -23.55 -2.86 12.09
N ARG A 349 -23.36 -1.54 12.04
CA ARG A 349 -22.69 -0.70 13.05
C ARG A 349 -21.74 0.28 12.42
N LEU A 350 -21.52 0.16 11.13
CA LEU A 350 -20.57 1.05 10.49
C LEU A 350 -21.15 1.50 9.19
N PRO A 351 -21.26 2.81 9.03
CA PRO A 351 -21.74 3.40 7.77
C PRO A 351 -21.21 2.82 6.44
N LYS A 352 -22.12 2.29 5.67
CA LYS A 352 -21.69 1.69 4.43
C LYS A 352 -21.04 2.74 3.56
N GLU A 353 -21.38 4.02 3.75
CA GLU A 353 -20.87 5.06 2.87
C GLU A 353 -19.36 4.91 2.72
N ILE A 354 -18.74 4.38 3.77
CA ILE A 354 -17.29 4.13 3.83
C ILE A 354 -16.72 3.11 2.81
N PHE A 355 -17.32 1.91 2.82
CA PHE A 355 -16.86 0.84 1.97
C PHE A 355 -17.32 1.12 0.58
N LEU A 356 -18.25 2.04 0.47
CA LEU A 356 -18.70 2.35 -0.85
C LEU A 356 -17.68 3.28 -1.47
N GLY A 357 -17.30 4.26 -0.67
CA GLY A 357 -16.41 5.32 -1.12
C GLY A 357 -15.19 4.70 -1.70
N LEU A 358 -14.71 3.66 -1.03
CA LEU A 358 -13.50 2.96 -1.41
C LEU A 358 -13.74 2.24 -2.73
N ALA A 359 -14.92 1.63 -2.78
CA ALA A 359 -15.47 0.98 -3.97
C ALA A 359 -15.41 1.94 -5.14
N GLN A 360 -16.29 2.96 -5.10
CA GLN A 360 -16.45 4.01 -6.08
C GLN A 360 -15.13 4.54 -6.61
N LYS A 361 -14.01 4.20 -5.96
CA LYS A 361 -12.72 4.71 -6.45
C LYS A 361 -11.62 3.61 -6.51
N ILE A 362 -12.05 2.37 -6.31
CA ILE A 362 -11.11 1.27 -6.40
C ILE A 362 -11.42 0.24 -7.49
N TYR A 363 -12.70 -0.07 -7.69
CA TYR A 363 -13.15 -0.99 -8.81
C TYR A 363 -13.39 -0.31 -10.18
N LYS A 364 -12.43 -0.25 -11.10
CA LYS A 364 -12.84 0.33 -12.37
C LYS A 364 -12.60 -0.46 -13.58
N ARG A 365 -11.35 -0.96 -13.60
CA ARG A 365 -10.69 -1.81 -14.62
C ARG A 365 -10.59 -1.26 -16.06
N GLN A 366 -9.85 -2.00 -16.90
CA GLN A 366 -9.60 -1.62 -18.30
C GLN A 366 -9.69 -2.81 -19.25
N LYS A 367 -10.93 -3.12 -19.64
CA LYS A 367 -11.29 -4.26 -20.50
C LYS A 367 -10.92 -5.64 -19.85
#